data_7RUN
#
_entry.id   7RUN
#
_cell.length_a   98.131
_cell.length_b   98.131
_cell.length_c   145.381
_cell.angle_alpha   90.000
_cell.angle_beta   90.000
_cell.angle_gamma   120.000
#
_symmetry.space_group_name_H-M   'P 63'
#
loop_
_entity.id
_entity.type
_entity.pdbx_description
1 polymer 'Proto-oncogene tyrosine-protein kinase receptor Ret'
2 non-polymer 'CHLORIDE ION'
3 non-polymer 1-(4-{(1s,3s)-3-[4-amino-5-(3-amino-4-chlorophenyl)-7H-pyrrolo[2,3-d]pyrimidin-7-yl]cyclobutyl}piperazin-1-yl)ethan-1-one
#
_entity_poly.entity_id   1
_entity_poly.type   'polypeptide(L)'
_entity_poly.pdbx_seq_one_letter_code
;MSYYHHHHHHDYDIPTTENLYFQGASVDAFKILEDPKWEFPRKNLVLGKTLGEGEFGKVVKATAFHLKGRAGYTTVAVKM
LKENASPSELRDLLSEFNVLKQVNHPHVIKLYGACSQDGPLLLIVEYAK(PTR)GSLRGFLRESRKVGPGYLGSGGSRNS
SSLDHPDERALTMGDLISFAWQISQGMQYLAEMKLVHRDLAARNILVAEGRKMKISDFGLSRDVYEEDS(PTR)VKR
(SEP)QGRIPVKWMAIESLFDHI(PTR)TTQSDVWSFGVLLWEIVTLGGNPYPGIPPERLFNLLKTGHRMERPDNCSEEM
YRLMLQCWKQEPDKRPVFADISKDLEKMMVKRR
;
_entity_poly.pdbx_strand_id   A,B
#
loop_
_chem_comp.id
_chem_comp.type
_chem_comp.name
_chem_comp.formula
7QU non-polymer 1-(4-{(1s,3s)-3-[4-amino-5-(3-amino-4-chlorophenyl)-7H-pyrrolo[2,3-d]pyrimidin-7-yl]cyclobutyl}piperazin-1-yl)ethan-1-one 'C22 H26 Cl N7 O'
CL non-polymer 'CHLORIDE ION' 'Cl -1'
#
# COMPACT_ATOMS: atom_id res chain seq x y z
N SER A 26 -16.21 -21.15 -1.16
CA SER A 26 -15.93 -21.96 -2.34
C SER A 26 -15.29 -21.14 -3.45
N VAL A 27 -16.16 -20.57 -4.30
CA VAL A 27 -15.76 -19.74 -5.44
C VAL A 27 -14.67 -18.77 -5.02
N ASP A 28 -13.56 -18.77 -5.75
CA ASP A 28 -12.46 -17.89 -5.43
C ASP A 28 -12.93 -16.44 -5.47
N ALA A 29 -12.34 -15.61 -4.60
CA ALA A 29 -12.80 -14.24 -4.43
C ALA A 29 -12.76 -13.44 -5.74
N PHE A 30 -11.94 -13.88 -6.70
CA PHE A 30 -11.81 -13.18 -7.97
C PHE A 30 -13.15 -13.01 -8.66
N LYS A 31 -13.94 -14.08 -8.75
CA LYS A 31 -15.21 -14.05 -9.46
C LYS A 31 -16.20 -13.11 -8.76
N ILE A 32 -16.62 -12.06 -9.47
CA ILE A 32 -17.48 -11.03 -8.92
C ILE A 32 -18.91 -11.25 -9.39
N LEU A 33 -19.87 -10.90 -8.52
CA LEU A 33 -21.29 -10.97 -8.87
C LEU A 33 -21.68 -9.73 -9.67
N GLU A 34 -22.71 -9.88 -10.50
CA GLU A 34 -23.17 -8.80 -11.36
C GLU A 34 -24.46 -8.18 -10.80
N ASP A 35 -24.40 -6.89 -10.48
CA ASP A 35 -25.61 -6.16 -10.12
C ASP A 35 -26.20 -5.52 -11.36
N PRO A 36 -27.48 -5.77 -11.66
CA PRO A 36 -28.05 -5.24 -12.92
C PRO A 36 -28.19 -3.73 -12.94
N LYS A 37 -28.57 -3.12 -11.82
CA LYS A 37 -28.79 -1.68 -11.80
C LYS A 37 -27.50 -0.91 -12.05
N TRP A 38 -26.39 -1.38 -11.49
CA TRP A 38 -25.14 -0.62 -11.48
C TRP A 38 -24.23 -0.95 -12.65
N GLU A 39 -24.52 -2.00 -13.41
CA GLU A 39 -23.63 -2.37 -14.52
C GLU A 39 -23.77 -1.39 -15.67
N PHE A 40 -22.64 -0.85 -16.12
CA PHE A 40 -22.55 0.11 -17.21
C PHE A 40 -21.72 -0.50 -18.34
N PRO A 41 -22.05 -0.21 -19.59
CA PRO A 41 -21.29 -0.81 -20.72
C PRO A 41 -19.89 -0.23 -20.79
N ARG A 42 -18.90 -1.10 -20.76
CA ARG A 42 -17.51 -0.66 -20.94
C ARG A 42 -17.28 -0.06 -22.32
N LYS A 43 -18.09 -0.46 -23.31
CA LYS A 43 -17.99 0.13 -24.63
C LYS A 43 -18.39 1.59 -24.63
N ASN A 44 -19.28 2.00 -23.73
CA ASN A 44 -19.73 3.38 -23.62
C ASN A 44 -18.89 4.19 -22.65
N LEU A 45 -17.59 3.96 -22.61
CA LEU A 45 -16.72 4.67 -21.66
C LEU A 45 -15.35 4.89 -22.28
N VAL A 46 -14.84 6.11 -22.16
CA VAL A 46 -13.53 6.48 -22.67
C VAL A 46 -12.66 6.90 -21.49
N LEU A 47 -11.71 6.05 -21.13
CA LEU A 47 -10.79 6.32 -20.03
C LEU A 47 -9.75 7.36 -20.45
N GLY A 48 -9.05 7.91 -19.46
CA GLY A 48 -8.07 8.95 -19.75
C GLY A 48 -6.96 9.12 -18.73
N LYS A 49 -6.68 10.38 -18.38
CA LYS A 49 -5.51 10.71 -17.58
C LYS A 49 -5.64 10.19 -16.16
N THR A 50 -4.57 9.56 -15.67
CA THR A 50 -4.56 9.03 -14.31
C THR A 50 -4.59 10.17 -13.29
N LEU A 51 -5.54 10.08 -12.35
CA LEU A 51 -5.66 11.07 -11.29
C LEU A 51 -4.88 10.68 -10.03
N GLY A 52 -4.37 9.47 -9.97
CA GLY A 52 -3.64 9.00 -8.81
C GLY A 52 -3.65 7.49 -8.73
N GLU A 53 -2.65 6.97 -8.01
CA GLU A 53 -2.50 5.51 -7.88
C GLU A 53 -1.95 5.21 -6.48
N GLY A 54 -2.85 5.16 -5.51
CA GLY A 54 -2.51 4.80 -4.16
C GLY A 54 -2.63 3.31 -3.91
N GLU A 55 -2.46 2.92 -2.64
CA GLU A 55 -2.66 1.53 -2.26
C GLU A 55 -4.10 1.10 -2.41
N PHE A 56 -5.04 2.04 -2.47
CA PHE A 56 -6.44 1.70 -2.74
C PHE A 56 -6.61 1.21 -4.18
N GLY A 57 -5.91 1.83 -5.12
CA GLY A 57 -6.03 1.46 -6.51
C GLY A 57 -5.75 2.65 -7.41
N LYS A 58 -5.94 2.42 -8.70
CA LYS A 58 -5.71 3.43 -9.73
C LYS A 58 -7.01 4.13 -10.09
N VAL A 59 -7.00 5.46 -10.04
CA VAL A 59 -8.15 6.27 -10.39
C VAL A 59 -7.76 7.17 -11.56
N VAL A 60 -8.54 7.10 -12.65
CA VAL A 60 -8.29 7.89 -13.85
C VAL A 60 -9.51 8.74 -14.14
N LYS A 61 -9.31 9.77 -14.96
CA LYS A 61 -10.39 10.61 -15.43
C LYS A 61 -11.03 10.00 -16.67
N ALA A 62 -12.35 10.12 -16.77
CA ALA A 62 -13.09 9.55 -17.89
C ALA A 62 -14.42 10.28 -18.02
N THR A 63 -15.06 10.07 -19.17
CA THR A 63 -16.43 10.54 -19.39
C THR A 63 -17.24 9.40 -19.99
N ALA A 64 -18.48 9.27 -19.53
CA ALA A 64 -19.35 8.15 -19.90
C ALA A 64 -20.57 8.67 -20.66
N PHE A 65 -20.82 8.10 -21.82
CA PHE A 65 -21.97 8.50 -22.64
C PHE A 65 -23.23 7.79 -22.16
N HIS A 66 -24.34 8.53 -22.17
CA HIS A 66 -25.66 7.99 -21.85
C HIS A 66 -25.68 7.34 -20.47
N LEU A 67 -25.20 8.08 -19.48
CA LEU A 67 -25.09 7.59 -18.10
C LEU A 67 -26.33 7.96 -17.31
N LYS A 68 -26.89 6.97 -16.61
CA LYS A 68 -28.11 7.15 -15.83
C LYS A 68 -29.22 7.76 -16.70
N GLY A 69 -29.54 7.02 -17.76
CA GLY A 69 -30.65 7.36 -18.62
C GLY A 69 -30.44 8.41 -19.68
N ARG A 70 -30.23 9.65 -19.27
CA ARG A 70 -30.25 10.81 -20.16
C ARG A 70 -29.02 11.66 -19.94
N ALA A 71 -28.38 12.08 -21.04
CA ALA A 71 -28.67 11.64 -22.41
C ALA A 71 -27.36 11.80 -23.18
N GLY A 72 -26.57 12.75 -22.72
CA GLY A 72 -25.25 13.03 -23.24
C GLY A 72 -24.17 12.38 -22.41
N TYR A 73 -22.95 12.89 -22.56
CA TYR A 73 -21.81 12.35 -21.83
C TYR A 73 -21.61 13.13 -20.54
N THR A 74 -20.98 12.48 -19.57
CA THR A 74 -20.76 13.06 -18.25
C THR A 74 -19.37 12.71 -17.77
N THR A 75 -18.61 13.72 -17.35
CA THR A 75 -17.24 13.51 -16.92
C THR A 75 -17.23 12.87 -15.53
N VAL A 76 -16.57 11.72 -15.42
CA VAL A 76 -16.57 10.92 -14.21
C VAL A 76 -15.13 10.53 -13.87
N ALA A 77 -14.98 9.76 -12.79
CA ALA A 77 -13.70 9.22 -12.38
C ALA A 77 -13.85 7.73 -12.12
N VAL A 78 -12.91 6.94 -12.64
CA VAL A 78 -13.00 5.48 -12.60
C VAL A 78 -11.86 4.95 -11.73
N LYS A 79 -12.21 4.31 -10.62
CA LYS A 79 -11.24 3.56 -9.83
C LYS A 79 -11.09 2.15 -10.40
N MET A 80 -9.91 1.56 -10.19
CA MET A 80 -9.64 0.24 -10.76
C MET A 80 -8.47 -0.39 -10.02
N LEU A 81 -8.21 -1.66 -10.37
CA LEU A 81 -7.11 -2.41 -9.78
C LEU A 81 -5.80 -2.01 -10.45
N LYS A 82 -4.73 -1.99 -9.67
CA LYS A 82 -3.40 -1.74 -10.21
C LYS A 82 -2.89 -2.98 -10.96
N GLU A 83 -1.87 -2.76 -11.78
CA GLU A 83 -1.31 -3.87 -12.57
C GLU A 83 -0.79 -4.98 -11.67
N ASN A 84 -0.28 -4.64 -10.49
CA ASN A 84 0.26 -5.59 -9.53
C ASN A 84 -0.69 -5.80 -8.35
N ALA A 85 -1.99 -5.82 -8.61
CA ALA A 85 -2.98 -5.90 -7.54
C ALA A 85 -2.86 -7.22 -6.78
N SER A 86 -3.04 -7.15 -5.47
CA SER A 86 -3.09 -8.27 -4.56
C SER A 86 -4.55 -8.63 -4.26
N PRO A 87 -4.84 -9.89 -3.91
CA PRO A 87 -6.22 -10.27 -3.58
C PRO A 87 -6.89 -9.34 -2.58
N SER A 88 -6.15 -8.88 -1.57
CA SER A 88 -6.73 -7.96 -0.58
C SER A 88 -7.14 -6.64 -1.22
N GLU A 89 -6.41 -6.19 -2.25
CA GLU A 89 -6.80 -4.96 -2.93
C GLU A 89 -8.13 -5.13 -3.65
N LEU A 90 -8.34 -6.28 -4.28
CA LEU A 90 -9.65 -6.57 -4.89
C LEU A 90 -10.72 -6.75 -3.81
N ARG A 91 -10.36 -7.41 -2.71
CA ARG A 91 -11.32 -7.61 -1.63
C ARG A 91 -11.77 -6.29 -1.03
N ASP A 92 -10.86 -5.31 -0.93
CA ASP A 92 -11.22 -4.00 -0.41
C ASP A 92 -11.92 -3.15 -1.46
N LEU A 93 -11.56 -3.31 -2.74
CA LEU A 93 -12.23 -2.57 -3.79
C LEU A 93 -13.68 -3.01 -3.94
N LEU A 94 -13.95 -4.30 -3.76
CA LEU A 94 -15.32 -4.80 -3.76
C LEU A 94 -16.04 -4.39 -2.48
N SER A 95 -15.35 -4.42 -1.34
CA SER A 95 -15.93 -3.87 -0.12
C SER A 95 -16.17 -2.38 -0.23
N GLU A 96 -15.45 -1.69 -1.12
CA GLU A 96 -15.75 -0.30 -1.42
C GLU A 96 -16.98 -0.18 -2.31
N PHE A 97 -17.19 -1.15 -3.20
CA PHE A 97 -18.34 -1.12 -4.11
C PHE A 97 -19.65 -1.16 -3.32
N ASN A 98 -19.81 -2.17 -2.46
CA ASN A 98 -21.10 -2.38 -1.80
C ASN A 98 -21.45 -1.23 -0.87
N VAL A 99 -20.45 -0.55 -0.30
CA VAL A 99 -20.74 0.60 0.55
C VAL A 99 -21.20 1.79 -0.29
N LEU A 100 -20.57 1.99 -1.45
CA LEU A 100 -20.99 3.07 -2.34
C LEU A 100 -22.39 2.84 -2.88
N LYS A 101 -22.79 1.58 -3.06
CA LYS A 101 -24.13 1.28 -3.52
C LYS A 101 -25.18 1.78 -2.53
N GLN A 102 -24.93 1.59 -1.24
CA GLN A 102 -25.94 1.89 -0.23
C GLN A 102 -26.11 3.38 0.00
N VAL A 103 -25.02 4.14 -0.04
CA VAL A 103 -25.01 5.52 0.42
C VAL A 103 -25.24 6.47 -0.75
N ASN A 104 -26.04 7.50 -0.51
CA ASN A 104 -26.27 8.58 -1.47
C ASN A 104 -26.44 9.87 -0.68
N HIS A 105 -25.45 10.75 -0.76
CA HIS A 105 -25.46 11.99 0.00
C HIS A 105 -24.67 13.05 -0.76
N PRO A 106 -25.07 14.32 -0.69
CA PRO A 106 -24.32 15.36 -1.41
C PRO A 106 -22.84 15.42 -1.07
N HIS A 107 -22.48 15.30 0.20
CA HIS A 107 -21.09 15.32 0.62
C HIS A 107 -20.51 13.93 0.82
N VAL A 108 -20.99 12.96 0.04
CA VAL A 108 -20.41 11.62 -0.04
C VAL A 108 -20.33 11.28 -1.52
N ILE A 109 -19.11 11.00 -2.00
CA ILE A 109 -18.87 10.84 -3.43
C ILE A 109 -19.85 9.84 -4.02
N LYS A 110 -20.50 10.24 -5.12
CA LYS A 110 -21.64 9.53 -5.67
C LYS A 110 -21.18 8.46 -6.64
N LEU A 111 -21.55 7.21 -6.37
CA LEU A 111 -21.29 6.11 -7.30
C LEU A 111 -22.26 6.17 -8.46
N TYR A 112 -21.73 6.30 -9.68
CA TYR A 112 -22.56 6.41 -10.87
C TYR A 112 -22.74 5.11 -11.64
N GLY A 113 -21.80 4.17 -11.53
CA GLY A 113 -21.93 2.93 -12.26
C GLY A 113 -20.75 2.02 -11.98
N ALA A 114 -20.67 0.95 -12.76
CA ALA A 114 -19.60 -0.03 -12.60
C ALA A 114 -19.48 -0.89 -13.84
N CYS A 115 -18.35 -1.58 -13.95
CA CYS A 115 -18.06 -2.52 -15.04
C CYS A 115 -17.38 -3.73 -14.41
N SER A 116 -18.15 -4.78 -14.13
CA SER A 116 -17.65 -5.94 -13.40
C SER A 116 -17.42 -7.15 -14.30
N GLN A 117 -18.46 -7.64 -14.97
CA GLN A 117 -18.39 -8.91 -15.67
C GLN A 117 -17.60 -8.79 -16.97
N ASP A 118 -16.92 -9.88 -17.32
CA ASP A 118 -16.21 -10.05 -18.59
C ASP A 118 -15.33 -8.83 -18.89
N GLY A 119 -14.45 -8.52 -17.93
CA GLY A 119 -13.54 -7.41 -18.06
C GLY A 119 -12.96 -6.99 -16.73
N PRO A 120 -11.99 -6.08 -16.76
CA PRO A 120 -11.44 -5.55 -15.50
C PRO A 120 -12.50 -4.76 -14.74
N LEU A 121 -12.44 -4.85 -13.41
CA LEU A 121 -13.42 -4.19 -12.57
C LEU A 121 -13.17 -2.68 -12.56
N LEU A 122 -14.19 -1.91 -12.94
CA LEU A 122 -14.11 -0.46 -13.02
C LEU A 122 -15.28 0.14 -12.28
N LEU A 123 -15.00 1.09 -11.37
CA LEU A 123 -16.03 1.76 -10.59
C LEU A 123 -16.17 3.19 -11.10
N ILE A 124 -17.26 3.47 -11.80
CA ILE A 124 -17.54 4.78 -12.36
C ILE A 124 -18.13 5.65 -11.25
N VAL A 125 -17.40 6.70 -10.84
CA VAL A 125 -17.76 7.49 -9.68
C VAL A 125 -17.72 8.96 -10.04
N GLU A 126 -18.44 9.76 -9.25
CA GLU A 126 -18.44 11.22 -9.37
C GLU A 126 -17.02 11.77 -9.49
N TYR A 127 -16.86 12.77 -10.35
CA TYR A 127 -15.56 13.37 -10.64
C TYR A 127 -15.42 14.65 -9.82
N ALA A 128 -14.56 14.60 -8.80
CA ALA A 128 -14.28 15.75 -7.93
C ALA A 128 -12.95 16.35 -8.36
N LYS A 129 -13.01 17.32 -9.26
CA LYS A 129 -11.84 17.85 -9.96
C LYS A 129 -10.70 18.35 -9.07
N PTR A 130 -11.04 19.11 -8.04
CA PTR A 130 -10.03 19.77 -7.21
C PTR A 130 -9.19 18.79 -6.37
O PTR A 130 -8.23 19.21 -5.72
CB PTR A 130 -10.68 20.79 -6.27
CG PTR A 130 -11.35 21.95 -6.99
CD1 PTR A 130 -12.19 22.83 -6.30
CD2 PTR A 130 -11.13 22.18 -8.34
CE1 PTR A 130 -12.80 23.89 -6.94
CE2 PTR A 130 -11.75 23.24 -9.00
CZ PTR A 130 -12.58 24.09 -8.30
OH PTR A 130 -13.13 25.08 -8.92
P PTR A 130 -14.72 25.34 -8.96
O1P PTR A 130 -15.15 25.17 -10.37
O2P PTR A 130 -15.48 24.36 -8.06
O3P PTR A 130 -14.99 26.78 -8.50
N GLY A 131 -9.56 17.52 -6.39
CA GLY A 131 -8.70 16.48 -5.84
C GLY A 131 -8.76 16.27 -4.34
N SER A 132 -7.86 15.42 -3.84
CA SER A 132 -7.82 15.08 -2.42
C SER A 132 -7.75 16.33 -1.56
N LEU A 133 -8.49 16.31 -0.45
CA LEU A 133 -8.58 17.48 0.42
C LEU A 133 -7.20 17.90 0.92
N ARG A 134 -6.37 16.93 1.32
CA ARG A 134 -5.02 17.26 1.75
C ARG A 134 -4.24 17.93 0.62
N GLY A 135 -4.34 17.40 -0.60
CA GLY A 135 -3.72 18.05 -1.74
C GLY A 135 -4.29 19.42 -2.03
N PHE A 136 -5.59 19.61 -1.75
CA PHE A 136 -6.20 20.93 -1.93
C PHE A 136 -5.67 21.92 -0.90
N LEU A 137 -5.49 21.47 0.35
CA LEU A 137 -4.99 22.37 1.39
C LEU A 137 -3.50 22.65 1.22
N ARG A 138 -2.73 21.64 0.81
CA ARG A 138 -1.29 21.82 0.66
C ARG A 138 -0.95 22.74 -0.49
N GLU A 139 -1.68 22.62 -1.62
CA GLU A 139 -1.43 23.48 -2.77
C GLU A 139 -1.66 24.94 -2.43
N SER A 140 -2.67 25.23 -1.61
CA SER A 140 -3.11 26.61 -1.40
C SER A 140 -2.11 27.42 -0.57
N ARG A 141 -1.36 26.78 0.33
CA ARG A 141 -0.52 27.57 1.23
C ARG A 141 0.73 28.10 0.54
N LYS A 142 1.19 27.44 -0.52
CA LYS A 142 2.27 28.02 -1.32
C LYS A 142 1.75 29.07 -2.29
N VAL A 143 0.59 28.82 -2.90
CA VAL A 143 -0.04 29.78 -3.80
C VAL A 143 -0.56 30.97 -3.00
N ARG A 165 -4.67 28.79 -4.16
CA ARG A 165 -5.56 29.94 -4.05
C ARG A 165 -5.64 30.43 -2.61
N ALA A 166 -6.13 31.66 -2.43
CA ALA A 166 -6.29 32.22 -1.09
C ALA A 166 -7.48 31.55 -0.41
N LEU A 167 -7.23 30.95 0.75
CA LEU A 167 -8.25 30.27 1.54
C LEU A 167 -8.43 31.03 2.85
N THR A 168 -9.60 31.63 3.02
CA THR A 168 -9.91 32.31 4.27
C THR A 168 -10.19 31.29 5.37
N MET A 169 -10.17 31.77 6.61
CA MET A 169 -10.50 30.88 7.72
C MET A 169 -11.95 30.42 7.66
N GLY A 170 -12.85 31.28 7.18
CA GLY A 170 -14.23 30.88 7.00
C GLY A 170 -14.40 29.71 6.04
N ASP A 171 -13.48 29.57 5.09
CA ASP A 171 -13.51 28.43 4.18
C ASP A 171 -13.29 27.13 4.94
N LEU A 172 -12.37 27.12 5.90
CA LEU A 172 -12.01 25.88 6.59
C LEU A 172 -13.14 25.38 7.47
N ILE A 173 -13.76 26.27 8.25
CA ILE A 173 -14.88 25.83 9.09
C ILE A 173 -16.03 25.32 8.23
N SER A 174 -16.19 25.88 7.03
CA SER A 174 -17.20 25.36 6.11
C SER A 174 -16.87 23.93 5.66
N PHE A 175 -15.58 23.66 5.41
CA PHE A 175 -15.17 22.31 5.02
C PHE A 175 -15.49 21.31 6.13
N ALA A 176 -15.06 21.61 7.36
CA ALA A 176 -15.38 20.72 8.47
C ALA A 176 -16.87 20.61 8.70
N TRP A 177 -17.62 21.68 8.46
CA TRP A 177 -19.07 21.63 8.59
C TRP A 177 -19.68 20.77 7.48
N GLN A 178 -19.11 20.80 6.28
CA GLN A 178 -19.56 19.94 5.20
C GLN A 178 -19.30 18.47 5.54
N ILE A 179 -18.08 18.16 6.01
CA ILE A 179 -17.73 16.77 6.31
C ILE A 179 -18.47 16.28 7.55
N SER A 180 -18.79 17.19 8.48
CA SER A 180 -19.58 16.79 9.65
C SER A 180 -20.97 16.31 9.23
N GLN A 181 -21.57 16.98 8.25
CA GLN A 181 -22.87 16.57 7.75
C GLN A 181 -22.77 15.21 7.05
N GLY A 182 -21.74 15.02 6.22
CA GLY A 182 -21.57 13.74 5.54
C GLY A 182 -21.38 12.59 6.49
N MET A 183 -20.55 12.78 7.53
CA MET A 183 -20.39 11.75 8.54
C MET A 183 -21.66 11.56 9.34
N GLN A 184 -22.38 12.66 9.61
CA GLN A 184 -23.70 12.57 10.24
C GLN A 184 -24.63 11.66 9.45
N TYR A 185 -24.58 11.76 8.12
CA TYR A 185 -25.38 10.88 7.28
C TYR A 185 -24.93 9.43 7.42
N LEU A 186 -23.61 9.19 7.44
CA LEU A 186 -23.11 7.83 7.56
C LEU A 186 -23.43 7.24 8.92
N ALA A 187 -23.43 8.05 9.97
CA ALA A 187 -23.81 7.56 11.29
C ALA A 187 -25.30 7.28 11.37
N GLU A 188 -26.10 7.98 10.57
CA GLU A 188 -27.52 7.65 10.47
C GLU A 188 -27.74 6.38 9.68
N MET A 189 -26.76 5.94 8.90
CA MET A 189 -26.75 4.62 8.31
C MET A 189 -26.16 3.58 9.25
N LYS A 190 -25.87 3.96 10.49
CA LYS A 190 -25.20 3.13 11.47
C LYS A 190 -24.02 2.40 10.83
N LEU A 191 -23.06 3.19 10.36
CA LEU A 191 -21.91 2.69 9.63
C LEU A 191 -20.66 3.42 10.09
N VAL A 192 -19.58 2.66 10.26
CA VAL A 192 -18.28 3.21 10.61
C VAL A 192 -17.45 3.36 9.34
N HIS A 193 -16.76 4.49 9.21
CA HIS A 193 -15.92 4.74 8.06
C HIS A 193 -14.45 4.43 8.34
N ARG A 194 -14.04 4.53 9.60
CA ARG A 194 -12.75 4.01 10.08
C ARG A 194 -11.58 4.90 9.72
N ASP A 195 -11.23 4.99 8.42
CA ASP A 195 -10.03 5.72 8.03
C ASP A 195 -10.17 7.22 8.29
N LEU A 196 -11.13 7.86 7.61
CA LEU A 196 -11.41 9.30 7.68
C LEU A 196 -10.17 10.16 7.93
N ALA A 197 -9.61 10.72 6.86
CA ALA A 197 -8.46 11.61 6.97
C ALA A 197 -8.55 12.65 5.85
N ALA A 198 -7.70 13.66 5.94
CA ALA A 198 -7.66 14.68 4.89
C ALA A 198 -7.23 14.10 3.55
N ARG A 199 -6.56 12.94 3.55
CA ARG A 199 -6.24 12.27 2.30
C ARG A 199 -7.49 11.67 1.66
N ASN A 200 -8.31 10.97 2.45
CA ASN A 200 -9.45 10.24 1.93
C ASN A 200 -10.62 11.14 1.56
N ILE A 201 -10.64 12.39 2.01
CA ILE A 201 -11.71 13.31 1.64
C ILE A 201 -11.40 13.91 0.28
N LEU A 202 -12.43 14.03 -0.56
CA LEU A 202 -12.31 14.61 -1.89
C LEU A 202 -12.92 16.01 -1.90
N VAL A 203 -12.57 16.77 -2.94
CA VAL A 203 -13.07 18.12 -3.13
C VAL A 203 -13.54 18.25 -4.56
N ALA A 204 -14.79 18.69 -4.74
CA ALA A 204 -15.43 18.70 -6.04
C ALA A 204 -15.40 20.10 -6.65
N GLU A 205 -16.16 20.30 -7.72
CA GLU A 205 -16.28 21.61 -8.33
C GLU A 205 -16.92 22.59 -7.36
N GLY A 206 -16.42 23.82 -7.34
CA GLY A 206 -16.93 24.78 -6.38
C GLY A 206 -16.47 24.54 -4.95
N ARG A 207 -15.41 23.75 -4.77
CA ARG A 207 -14.81 23.51 -3.45
C ARG A 207 -15.79 22.86 -2.49
N LYS A 208 -16.45 21.79 -2.96
CA LYS A 208 -17.41 21.04 -2.16
C LYS A 208 -16.80 19.71 -1.75
N MET A 209 -16.98 19.34 -0.49
CA MET A 209 -16.38 18.13 0.06
C MET A 209 -17.16 16.89 -0.36
N LYS A 210 -16.44 15.79 -0.57
CA LYS A 210 -17.03 14.50 -0.90
C LYS A 210 -16.24 13.42 -0.16
N ILE A 211 -16.85 12.81 0.85
CA ILE A 211 -16.19 11.74 1.61
C ILE A 211 -15.97 10.54 0.70
N SER A 212 -14.74 10.01 0.71
CA SER A 212 -14.40 8.89 -0.17
C SER A 212 -13.61 7.81 0.55
N ASP A 213 -13.14 6.81 -0.21
CA ASP A 213 -12.30 5.72 0.29
C ASP A 213 -13.03 4.88 1.34
N PHE A 214 -14.20 4.36 0.93
CA PHE A 214 -15.04 3.52 1.78
C PHE A 214 -14.57 2.07 1.83
N GLY A 215 -13.32 1.78 1.47
CA GLY A 215 -12.88 0.40 1.43
C GLY A 215 -12.84 -0.26 2.80
N LEU A 216 -12.38 0.48 3.81
CA LEU A 216 -12.20 -0.06 5.15
C LEU A 216 -13.44 0.08 6.02
N SER A 217 -14.55 0.57 5.48
CA SER A 217 -15.75 0.78 6.27
C SER A 217 -16.24 -0.53 6.89
N ARG A 218 -16.89 -0.40 8.05
CA ARG A 218 -17.48 -1.52 8.77
C ARG A 218 -18.79 -1.07 9.40
N ASP A 219 -19.68 -2.04 9.62
CA ASP A 219 -20.93 -1.77 10.30
C ASP A 219 -20.71 -1.66 11.80
N VAL A 220 -21.38 -0.69 12.43
CA VAL A 220 -21.24 -0.51 13.87
C VAL A 220 -21.82 -1.72 14.60
N TYR A 221 -22.86 -2.32 14.03
CA TYR A 221 -23.42 -3.59 14.52
C TYR A 221 -23.22 -4.63 13.43
N GLU A 222 -22.44 -5.66 13.74
CA GLU A 222 -21.93 -6.59 12.74
C GLU A 222 -23.06 -7.33 12.03
N GLU A 223 -22.76 -7.78 10.80
CA GLU A 223 -23.76 -8.46 9.98
C GLU A 223 -23.31 -9.87 9.66
N ASP A 224 -22.25 -10.04 8.87
CA ASP A 224 -21.76 -11.35 8.45
C ASP A 224 -21.46 -12.25 9.63
N SER A 225 -21.94 -13.49 9.56
CA SER A 225 -21.74 -14.47 10.63
C SER A 225 -20.27 -14.81 10.82
N PTR A 226 -19.51 -14.76 9.73
CA PTR A 226 -18.06 -14.92 9.79
C PTR A 226 -17.40 -13.87 8.90
O PTR A 226 -17.40 -14.00 7.68
CB PTR A 226 -17.63 -16.31 9.34
CG PTR A 226 -16.14 -16.59 9.47
CD1 PTR A 226 -15.61 -17.13 10.63
CD2 PTR A 226 -15.28 -16.31 8.42
CE1 PTR A 226 -14.25 -17.39 10.75
CE2 PTR A 226 -13.92 -16.56 8.52
CZ PTR A 226 -13.41 -17.10 9.69
OH PTR A 226 -12.14 -17.34 9.79
P PTR A 226 -11.19 -16.40 10.69
O1P PTR A 226 -9.80 -16.46 10.15
O2P PTR A 226 -11.69 -14.94 10.67
O3P PTR A 226 -11.19 -16.92 12.14
N VAL A 227 -16.84 -12.83 9.51
CA VAL A 227 -16.15 -11.82 8.74
C VAL A 227 -14.65 -11.84 8.99
N LYS A 228 -13.87 -11.78 7.90
CA LYS A 228 -12.43 -11.73 8.00
C LYS A 228 -12.02 -10.31 8.35
N ARG A 229 -11.43 -10.12 9.52
CA ARG A 229 -11.11 -8.77 9.97
C ARG A 229 -9.78 -8.28 9.40
N SEP A 230 -9.83 -7.10 8.80
CA SEP A 230 -8.66 -6.48 8.18
CB SEP A 230 -9.09 -5.51 7.08
OG SEP A 230 -10.04 -4.57 7.57
C SEP A 230 -7.83 -5.76 9.24
O SEP A 230 -8.15 -4.64 9.64
P SEP A 230 -11.52 -4.97 7.08
O1P SEP A 230 -11.51 -5.22 5.48
O2P SEP A 230 -12.00 -6.32 7.82
O3P SEP A 230 -12.55 -3.78 7.43
N GLN A 231 -6.76 -6.41 9.69
CA GLN A 231 -6.04 -5.99 10.89
C GLN A 231 -5.01 -4.90 10.65
N GLY A 232 -5.07 -3.87 11.50
CA GLY A 232 -4.05 -2.83 11.54
C GLY A 232 -3.79 -2.12 10.24
N ARG A 233 -4.85 -1.75 9.51
CA ARG A 233 -4.73 -1.02 8.26
C ARG A 233 -4.89 0.49 8.42
N ILE A 234 -5.39 0.94 9.56
CA ILE A 234 -5.64 2.36 9.79
C ILE A 234 -4.34 3.02 10.25
N PRO A 235 -4.00 4.20 9.73
CA PRO A 235 -2.80 4.90 10.22
C PRO A 235 -2.88 5.18 11.71
N VAL A 236 -1.85 4.76 12.44
CA VAL A 236 -1.84 4.82 13.91
C VAL A 236 -2.17 6.21 14.43
N LYS A 237 -1.79 7.26 13.70
CA LYS A 237 -2.02 8.61 14.19
C LYS A 237 -3.50 8.97 14.18
N TRP A 238 -4.26 8.43 13.23
CA TRP A 238 -5.70 8.64 13.16
C TRP A 238 -6.49 7.61 13.95
N MET A 239 -5.82 6.68 14.64
CA MET A 239 -6.49 5.62 15.38
C MET A 239 -6.87 6.11 16.77
N ALA A 240 -8.12 5.85 17.16
CA ALA A 240 -8.57 6.17 18.50
C ALA A 240 -7.87 5.28 19.53
N ILE A 241 -7.70 5.82 20.74
CA ILE A 241 -7.03 5.10 21.82
C ILE A 241 -7.62 3.69 21.99
N GLU A 242 -8.94 3.56 21.89
CA GLU A 242 -9.55 2.24 22.03
C GLU A 242 -9.21 1.33 20.86
N SER A 243 -9.12 1.89 19.65
CA SER A 243 -8.67 1.11 18.51
C SER A 243 -7.25 0.61 18.71
N LEU A 244 -6.37 1.46 19.25
CA LEU A 244 -5.03 1.01 19.59
C LEU A 244 -5.07 -0.02 20.71
N PHE A 245 -5.92 0.20 21.71
CA PHE A 245 -5.98 -0.67 22.87
C PHE A 245 -6.67 -1.99 22.56
N ASP A 246 -7.95 -1.93 22.17
CA ASP A 246 -8.78 -3.12 22.06
C ASP A 246 -9.30 -3.38 20.64
N HIS A 247 -8.74 -2.69 19.64
CA HIS A 247 -9.12 -2.87 18.24
C HIS A 247 -10.60 -2.56 18.00
N ILE A 248 -11.14 -1.60 18.74
CA ILE A 248 -12.55 -1.24 18.60
C ILE A 248 -12.68 0.01 17.74
N PTR A 249 -13.35 -0.14 16.60
CA PTR A 249 -13.56 0.98 15.70
C PTR A 249 -15.05 1.34 15.67
O PTR A 249 -15.80 0.86 14.82
CB PTR A 249 -13.05 0.66 14.28
CG PTR A 249 -11.68 0.03 14.24
CD1 PTR A 249 -11.51 -1.32 14.53
CD2 PTR A 249 -10.55 0.78 13.93
CE1 PTR A 249 -10.25 -1.90 14.49
CE2 PTR A 249 -9.30 0.20 13.91
CZ PTR A 249 -9.15 -1.14 14.19
OH PTR A 249 -7.94 -1.64 14.15
P PTR A 249 -7.57 -3.16 13.76
O1P PTR A 249 -7.72 -3.35 12.24
O2P PTR A 249 -8.46 -4.13 14.46
O3P PTR A 249 -6.12 -3.43 14.17
N THR A 250 -15.46 2.18 16.62
CA THR A 250 -16.86 2.60 16.72
C THR A 250 -17.13 3.86 15.91
N THR A 251 -18.38 4.34 15.97
CA THR A 251 -18.70 5.62 15.36
C THR A 251 -18.14 6.78 16.18
N GLN A 252 -18.07 6.62 17.52
CA GLN A 252 -17.40 7.59 18.35
C GLN A 252 -15.89 7.58 18.13
N SER A 253 -15.35 6.48 17.59
CA SER A 253 -13.95 6.46 17.20
C SER A 253 -13.72 7.32 15.96
N ASP A 254 -14.68 7.32 15.03
CA ASP A 254 -14.59 8.21 13.88
C ASP A 254 -14.72 9.68 14.27
N VAL A 255 -15.31 9.96 15.44
CA VAL A 255 -15.26 11.32 15.97
C VAL A 255 -13.83 11.67 16.37
N TRP A 256 -13.13 10.73 17.01
CA TRP A 256 -11.70 10.89 17.25
C TRP A 256 -10.96 11.11 15.93
N SER A 257 -11.27 10.29 14.92
CA SER A 257 -10.70 10.49 13.59
C SER A 257 -11.02 11.88 13.05
N PHE A 258 -12.27 12.32 13.24
CA PHE A 258 -12.65 13.66 12.78
C PHE A 258 -11.88 14.75 13.53
N GLY A 259 -11.56 14.51 14.80
CA GLY A 259 -10.76 15.48 15.54
C GLY A 259 -9.38 15.67 14.94
N VAL A 260 -8.73 14.57 14.55
CA VAL A 260 -7.46 14.66 13.84
C VAL A 260 -7.66 15.33 12.49
N LEU A 261 -8.79 15.05 11.83
CA LEU A 261 -9.07 15.67 10.54
C LEU A 261 -9.19 17.19 10.67
N LEU A 262 -9.87 17.66 11.71
CA LEU A 262 -9.94 19.11 11.97
C LEU A 262 -8.55 19.72 12.03
N TRP A 263 -7.64 19.06 12.74
CA TRP A 263 -6.25 19.52 12.81
C TRP A 263 -5.64 19.66 11.43
N GLU A 264 -5.82 18.64 10.59
CA GLU A 264 -5.28 18.66 9.23
C GLU A 264 -5.79 19.87 8.44
N ILE A 265 -7.07 20.21 8.60
CA ILE A 265 -7.67 21.30 7.84
C ILE A 265 -7.05 22.64 8.23
N VAL A 266 -7.13 22.98 9.53
CA VAL A 266 -6.63 24.27 9.99
C VAL A 266 -5.13 24.42 9.73
N THR A 267 -4.38 23.32 9.85
CA THR A 267 -2.97 23.34 9.53
C THR A 267 -2.69 23.30 8.02
N LEU A 268 -3.73 23.19 7.20
CA LEU A 268 -3.62 23.17 5.74
C LEU A 268 -2.69 22.05 5.28
N GLY A 269 -3.14 20.82 5.50
CA GLY A 269 -2.41 19.65 5.08
C GLY A 269 -1.36 19.15 6.04
N GLY A 270 -1.18 19.82 7.18
CA GLY A 270 -0.18 19.44 8.17
C GLY A 270 -0.22 17.98 8.59
N ASN A 271 0.94 17.43 8.90
CA ASN A 271 1.03 16.04 9.32
C ASN A 271 0.89 15.95 10.83
N PRO A 272 -0.10 15.20 11.35
CA PRO A 272 -0.32 15.17 12.80
C PRO A 272 0.81 14.48 13.54
N TYR A 273 0.93 14.81 14.83
CA TYR A 273 1.92 14.28 15.74
C TYR A 273 3.30 14.16 15.09
N PRO A 274 3.97 15.26 14.78
CA PRO A 274 5.21 15.18 14.00
C PRO A 274 6.34 14.52 14.79
N GLY A 275 7.06 13.62 14.11
CA GLY A 275 8.24 13.01 14.68
C GLY A 275 8.00 11.82 15.57
N ILE A 276 6.84 11.77 16.21
CA ILE A 276 6.56 10.75 17.23
C ILE A 276 6.48 9.37 16.57
N PRO A 277 7.19 8.37 17.09
CA PRO A 277 7.07 7.00 16.58
C PRO A 277 5.75 6.38 17.02
N PRO A 278 5.48 5.09 16.68
CA PRO A 278 4.20 4.49 17.08
C PRO A 278 4.05 4.26 18.58
N GLU A 279 5.08 3.67 19.22
CA GLU A 279 4.99 3.38 20.64
C GLU A 279 4.87 4.65 21.48
N ARG A 280 5.66 5.67 21.14
CA ARG A 280 5.61 6.92 21.90
C ARG A 280 4.24 7.59 21.79
N LEU A 281 3.55 7.41 20.66
CA LEU A 281 2.20 7.96 20.53
C LEU A 281 1.22 7.26 21.45
N PHE A 282 1.25 5.92 21.46
CA PHE A 282 0.38 5.15 22.35
C PHE A 282 0.57 5.56 23.80
N ASN A 283 1.84 5.68 24.24
CA ASN A 283 2.11 6.15 25.60
C ASN A 283 1.61 7.57 25.80
N LEU A 284 1.80 8.44 24.81
CA LEU A 284 1.38 9.83 24.93
C LEU A 284 -0.12 9.93 25.17
N LEU A 285 -0.91 9.18 24.39
CA LEU A 285 -2.36 9.17 24.58
C LEU A 285 -2.76 8.46 25.87
N LYS A 286 -2.01 7.44 26.27
CA LYS A 286 -2.29 6.76 27.53
C LYS A 286 -1.96 7.65 28.72
N THR A 287 -0.83 8.35 28.67
CA THR A 287 -0.48 9.29 29.74
C THR A 287 -1.42 10.49 29.80
N GLY A 288 -2.06 10.83 28.68
CA GLY A 288 -3.06 11.89 28.67
C GLY A 288 -2.78 13.03 27.69
N HIS A 289 -1.57 13.16 27.18
CA HIS A 289 -1.26 14.28 26.29
C HIS A 289 -1.92 14.10 24.93
N ARG A 290 -2.24 15.22 24.29
CA ARG A 290 -2.77 15.24 22.93
C ARG A 290 -1.92 16.20 22.11
N MET A 291 -2.46 16.64 20.98
CA MET A 291 -1.80 17.65 20.18
C MET A 291 -2.11 19.04 20.73
N GLU A 292 -1.12 19.93 20.71
CA GLU A 292 -1.29 21.26 21.23
C GLU A 292 -2.00 22.16 20.21
N ARG A 293 -2.46 23.32 20.68
CA ARG A 293 -3.23 24.27 19.90
C ARG A 293 -2.43 24.74 18.68
N PRO A 294 -2.90 24.43 17.47
CA PRO A 294 -2.12 24.73 16.27
C PRO A 294 -1.91 26.23 16.06
N ASP A 295 -0.94 26.54 15.19
CA ASP A 295 -0.63 27.91 14.84
C ASP A 295 -1.79 28.56 14.09
N ASN A 296 -2.35 29.62 14.65
CA ASN A 296 -3.46 30.37 14.06
C ASN A 296 -4.70 29.48 13.95
N CYS A 297 -5.13 28.97 15.10
CA CYS A 297 -6.37 28.21 15.21
C CYS A 297 -7.23 28.83 16.30
N SER A 298 -8.54 28.77 16.09
CA SER A 298 -9.47 29.39 17.03
C SER A 298 -9.47 28.64 18.37
N GLU A 299 -9.64 29.41 19.44
CA GLU A 299 -9.64 28.82 20.79
C GLU A 299 -10.84 27.90 20.98
N GLU A 300 -12.00 28.28 20.44
CA GLU A 300 -13.17 27.43 20.51
C GLU A 300 -13.15 26.32 19.46
N MET A 301 -12.31 26.46 18.43
CA MET A 301 -12.10 25.37 17.48
C MET A 301 -11.20 24.30 18.06
N TYR A 302 -10.12 24.71 18.75
CA TYR A 302 -9.23 23.75 19.39
C TYR A 302 -9.93 23.03 20.55
N ARG A 303 -10.83 23.73 21.25
CA ARG A 303 -11.63 23.07 22.28
C ARG A 303 -12.43 21.92 21.70
N LEU A 304 -13.02 22.12 20.52
CA LEU A 304 -13.77 21.05 19.86
C LEU A 304 -12.88 19.86 19.54
N MET A 305 -11.65 20.12 19.08
CA MET A 305 -10.72 19.03 18.74
C MET A 305 -10.45 18.15 19.95
N LEU A 306 -10.26 18.75 21.12
CA LEU A 306 -10.02 17.96 22.33
C LEU A 306 -11.25 17.18 22.76
N GLN A 307 -12.45 17.72 22.47
CA GLN A 307 -13.67 16.99 22.76
C GLN A 307 -13.74 15.68 21.98
N CYS A 308 -13.12 15.64 20.81
CA CYS A 308 -13.09 14.42 20.01
C CYS A 308 -12.02 13.44 20.47
N TRP A 309 -10.99 13.92 21.17
CA TRP A 309 -9.93 13.07 21.69
C TRP A 309 -10.13 12.74 23.16
N LYS A 310 -11.37 12.81 23.65
CA LYS A 310 -11.66 12.42 25.02
C LYS A 310 -11.35 10.94 25.24
N GLN A 311 -10.92 10.62 26.46
CA GLN A 311 -10.52 9.25 26.76
C GLN A 311 -11.70 8.28 26.62
N GLU A 312 -12.86 8.67 27.14
CA GLU A 312 -14.05 7.82 27.06
C GLU A 312 -14.84 8.16 25.81
N PRO A 313 -15.00 7.23 24.86
CA PRO A 313 -15.80 7.53 23.66
C PRO A 313 -17.24 7.87 23.98
N ASP A 314 -17.79 7.33 25.07
CA ASP A 314 -19.15 7.65 25.47
C ASP A 314 -19.34 9.16 25.63
N LYS A 315 -18.34 9.85 26.16
CA LYS A 315 -18.39 11.30 26.31
C LYS A 315 -17.61 11.96 25.17
N ARG A 316 -18.21 11.91 23.98
CA ARG A 316 -17.66 12.52 22.79
C ARG A 316 -18.83 13.06 21.99
N PRO A 317 -18.73 14.29 21.47
CA PRO A 317 -19.85 14.86 20.71
C PRO A 317 -20.14 14.04 19.45
N VAL A 318 -21.42 13.93 19.14
CA VAL A 318 -21.88 13.20 17.95
C VAL A 318 -21.92 14.15 16.77
N PHE A 319 -21.75 13.60 15.56
CA PHE A 319 -21.66 14.42 14.35
C PHE A 319 -22.86 15.35 14.19
N ALA A 320 -24.05 14.87 14.57
CA ALA A 320 -25.23 15.74 14.48
C ALA A 320 -25.10 16.95 15.41
N ASP A 321 -24.56 16.74 16.61
CA ASP A 321 -24.30 17.85 17.52
C ASP A 321 -22.99 18.57 17.21
N ILE A 322 -22.15 18.01 16.35
CA ILE A 322 -20.95 18.72 15.91
C ILE A 322 -21.29 19.68 14.77
N SER A 323 -22.14 19.24 13.84
CA SER A 323 -22.54 20.10 12.72
C SER A 323 -23.13 21.42 13.20
N LYS A 324 -23.81 21.42 14.35
CA LYS A 324 -24.33 22.66 14.91
C LYS A 324 -23.23 23.52 15.51
N ASP A 325 -22.20 22.89 16.08
CA ASP A 325 -21.08 23.65 16.64
C ASP A 325 -20.31 24.39 15.55
N LEU A 326 -20.20 23.78 14.37
CA LEU A 326 -19.44 24.41 13.29
C LEU A 326 -20.23 25.51 12.59
N GLU A 327 -21.55 25.37 12.51
CA GLU A 327 -22.36 26.44 11.95
C GLU A 327 -22.35 27.68 12.84
N LYS A 328 -22.44 27.47 14.15
CA LYS A 328 -22.37 28.60 15.10
C LYS A 328 -21.08 29.39 14.95
N MET A 329 -20.01 28.73 14.49
CA MET A 329 -18.73 29.42 14.33
C MET A 329 -18.76 30.36 13.14
N MET A 330 -19.38 29.94 12.02
CA MET A 330 -19.43 30.78 10.84
C MET A 330 -20.38 31.95 11.02
N VAL A 331 -21.58 31.69 11.56
CA VAL A 331 -22.62 32.71 11.65
C VAL A 331 -22.17 33.92 12.47
N LYS A 332 -21.16 33.77 13.33
CA LYS A 332 -20.60 34.93 14.01
C LYS A 332 -19.88 35.84 13.02
N ARG A 333 -19.11 35.25 12.10
CA ARG A 333 -18.39 36.01 11.09
C ARG A 333 -19.33 36.52 10.00
N VAL B 27 2.29 -4.84 25.52
CA VAL B 27 2.42 -6.13 24.87
C VAL B 27 2.27 -5.99 23.35
N ASP B 28 1.50 -4.98 22.94
CA ASP B 28 1.26 -4.73 21.53
C ASP B 28 2.57 -4.48 20.79
N ALA B 29 2.55 -4.77 19.47
CA ALA B 29 3.73 -4.72 18.63
C ALA B 29 4.46 -3.39 18.69
N PHE B 30 3.80 -2.33 19.16
CA PHE B 30 4.43 -1.02 19.25
C PHE B 30 5.76 -1.09 19.97
N LYS B 31 5.78 -1.75 21.13
CA LYS B 31 7.01 -1.88 21.92
C LYS B 31 8.03 -2.75 21.19
N ILE B 32 9.18 -2.16 20.86
CA ILE B 32 10.21 -2.86 20.09
C ILE B 32 11.33 -3.28 21.05
N LEU B 33 11.91 -4.44 20.76
CA LEU B 33 13.05 -4.93 21.51
C LEU B 33 14.35 -4.31 21.01
N GLU B 34 15.34 -4.23 21.90
CA GLU B 34 16.65 -3.69 21.56
C GLU B 34 17.62 -4.85 21.37
N ASP B 35 18.15 -4.98 20.16
CA ASP B 35 19.23 -5.93 19.94
C ASP B 35 20.56 -5.21 20.10
N PRO B 36 21.46 -5.71 20.96
CA PRO B 36 22.73 -4.98 21.17
C PRO B 36 23.61 -5.00 19.94
N LYS B 37 23.62 -6.10 19.20
CA LYS B 37 24.49 -6.22 18.03
C LYS B 37 24.11 -5.20 16.95
N TRP B 38 22.82 -5.04 16.69
CA TRP B 38 22.39 -4.29 15.52
C TRP B 38 22.07 -2.83 15.82
N GLU B 39 22.01 -2.43 17.09
CA GLU B 39 21.66 -1.06 17.41
C GLU B 39 22.81 -0.12 17.08
N PHE B 40 22.51 0.91 16.30
CA PHE B 40 23.45 1.93 15.86
C PHE B 40 23.01 3.29 16.40
N PRO B 41 23.96 4.16 16.76
CA PRO B 41 23.57 5.47 17.33
C PRO B 41 22.95 6.35 16.26
N ARG B 42 21.73 6.82 16.53
CA ARG B 42 21.07 7.75 15.62
C ARG B 42 21.85 9.05 15.49
N LYS B 43 22.62 9.41 16.52
CA LYS B 43 23.46 10.60 16.44
C LYS B 43 24.57 10.44 15.40
N ASN B 44 25.02 9.20 15.17
CA ASN B 44 26.08 8.92 14.19
C ASN B 44 25.51 8.64 12.80
N LEU B 45 24.44 9.31 12.40
CA LEU B 45 23.82 9.05 11.11
C LEU B 45 23.20 10.34 10.59
N VAL B 46 23.47 10.65 9.32
CA VAL B 46 22.93 11.84 8.67
C VAL B 46 22.04 11.39 7.51
N LEU B 47 20.74 11.56 7.69
CA LEU B 47 19.76 11.18 6.67
C LEU B 47 19.78 12.18 5.51
N GLY B 48 19.15 11.79 4.41
CA GLY B 48 19.15 12.65 3.23
C GLY B 48 18.00 12.44 2.25
N LYS B 49 18.33 12.40 0.96
CA LYS B 49 17.33 12.43 -0.09
C LYS B 49 16.52 11.13 -0.12
N THR B 50 15.20 11.28 -0.22
CA THR B 50 14.30 10.13 -0.29
C THR B 50 14.50 9.38 -1.61
N LEU B 51 14.72 8.07 -1.50
CA LEU B 51 14.88 7.22 -2.69
C LEU B 51 13.56 6.61 -3.16
N GLY B 52 12.50 6.72 -2.37
CA GLY B 52 11.22 6.13 -2.70
C GLY B 52 10.38 5.92 -1.46
N GLU B 53 9.07 5.83 -1.68
CA GLU B 53 8.12 5.69 -0.58
C GLU B 53 6.96 4.82 -1.03
N GLY B 54 7.16 3.51 -0.94
CA GLY B 54 6.12 2.53 -1.23
C GLY B 54 5.32 2.17 0.00
N GLU B 55 4.43 1.19 -0.18
CA GLU B 55 3.66 0.66 0.94
C GLU B 55 4.54 -0.07 1.95
N PHE B 56 5.75 -0.47 1.55
CA PHE B 56 6.70 -1.06 2.49
C PHE B 56 7.19 -0.01 3.48
N GLY B 57 7.41 1.21 3.02
CA GLY B 57 7.90 2.27 3.87
C GLY B 57 8.72 3.26 3.08
N LYS B 58 9.29 4.22 3.80
CA LYS B 58 10.08 5.28 3.22
C LYS B 58 11.56 4.92 3.32
N VAL B 59 12.25 4.97 2.18
CA VAL B 59 13.67 4.68 2.09
C VAL B 59 14.40 5.91 1.60
N VAL B 60 15.39 6.37 2.37
CA VAL B 60 16.17 7.55 2.03
C VAL B 60 17.64 7.16 1.95
N LYS B 61 18.42 8.02 1.29
CA LYS B 61 19.87 7.86 1.23
C LYS B 61 20.51 8.51 2.45
N ALA B 62 21.56 7.88 2.97
CA ALA B 62 22.25 8.39 4.15
C ALA B 62 23.65 7.81 4.19
N THR B 63 24.49 8.41 5.03
CA THR B 63 25.82 7.88 5.31
C THR B 63 26.05 7.89 6.81
N ALA B 64 26.67 6.82 7.31
CA ALA B 64 26.89 6.63 8.74
C ALA B 64 28.37 6.58 9.04
N PHE B 65 28.82 7.42 9.97
CA PHE B 65 30.22 7.44 10.37
C PHE B 65 30.48 6.38 11.44
N HIS B 66 31.65 5.77 11.36
CA HIS B 66 32.10 4.77 12.34
C HIS B 66 31.13 3.60 12.43
N LEU B 67 30.79 3.05 11.25
CA LEU B 67 29.87 1.92 11.18
C LEU B 67 30.65 0.61 11.18
N LYS B 68 30.31 -0.27 12.11
CA LYS B 68 30.93 -1.58 12.24
C LYS B 68 32.45 -1.48 12.25
N GLY B 69 32.97 -0.77 13.25
CA GLY B 69 34.40 -0.63 13.39
C GLY B 69 35.05 0.48 12.60
N ARG B 70 35.00 0.39 11.27
CA ARG B 70 35.74 1.28 10.38
C ARG B 70 35.57 2.74 10.79
N ALA B 71 36.70 3.46 10.81
CA ALA B 71 36.75 4.79 11.40
C ALA B 71 36.02 5.84 10.57
N GLY B 72 35.86 5.64 9.27
CA GLY B 72 35.20 6.59 8.42
C GLY B 72 33.73 6.28 8.20
N TYR B 73 33.16 6.98 7.22
CA TYR B 73 31.75 6.90 6.90
C TYR B 73 31.49 5.97 5.72
N THR B 74 30.25 5.49 5.65
CA THR B 74 29.82 4.56 4.61
C THR B 74 28.42 4.94 4.16
N THR B 75 28.24 5.12 2.86
CA THR B 75 26.95 5.52 2.31
C THR B 75 25.98 4.34 2.36
N VAL B 76 24.84 4.54 3.00
CA VAL B 76 23.88 3.49 3.26
C VAL B 76 22.49 3.96 2.83
N ALA B 77 21.50 3.09 3.02
CA ALA B 77 20.10 3.42 2.75
C ALA B 77 19.28 3.03 3.98
N VAL B 78 18.39 3.93 4.40
CA VAL B 78 17.63 3.76 5.63
C VAL B 78 16.15 3.64 5.28
N LYS B 79 15.58 2.48 5.57
CA LYS B 79 14.13 2.31 5.49
C LYS B 79 13.50 2.76 6.80
N MET B 80 12.23 3.20 6.73
CA MET B 80 11.57 3.73 7.90
C MET B 80 10.06 3.71 7.68
N LEU B 81 9.32 4.04 8.73
CA LEU B 81 7.87 4.10 8.68
C LEU B 81 7.43 5.42 8.06
N LYS B 82 6.33 5.37 7.31
CA LYS B 82 5.75 6.57 6.76
C LYS B 82 5.02 7.35 7.85
N GLU B 83 4.74 8.63 7.57
CA GLU B 83 4.07 9.47 8.54
C GLU B 83 2.70 8.93 8.91
N ASN B 84 2.02 8.29 7.97
CA ASN B 84 0.69 7.71 8.20
C ASN B 84 0.75 6.19 8.28
N ALA B 85 1.80 5.67 8.93
CA ALA B 85 2.01 4.23 8.97
C ALA B 85 0.88 3.55 9.75
N SER B 86 0.49 2.38 9.26
CA SER B 86 -0.49 1.50 9.88
C SER B 86 0.21 0.43 10.70
N PRO B 87 -0.47 -0.12 11.73
CA PRO B 87 0.16 -1.17 12.54
C PRO B 87 0.75 -2.30 11.73
N SER B 88 0.08 -2.71 10.65
CA SER B 88 0.61 -3.79 9.80
C SER B 88 1.92 -3.39 9.14
N GLU B 89 2.09 -2.10 8.83
CA GLU B 89 3.36 -1.65 8.25
C GLU B 89 4.50 -1.80 9.24
N LEU B 90 4.26 -1.46 10.50
CA LEU B 90 5.27 -1.69 11.54
C LEU B 90 5.49 -3.18 11.78
N ARG B 91 4.41 -3.96 11.77
CA ARG B 91 4.54 -5.41 11.97
C ARG B 91 5.34 -6.05 10.84
N ASP B 92 5.18 -5.56 9.61
CA ASP B 92 5.94 -6.09 8.49
C ASP B 92 7.35 -5.52 8.44
N LEU B 93 7.54 -4.27 8.88
CA LEU B 93 8.89 -3.70 8.91
C LEU B 93 9.75 -4.41 9.95
N LEU B 94 9.15 -4.82 11.07
CA LEU B 94 9.88 -5.61 12.06
C LEU B 94 10.10 -7.03 11.57
N SER B 95 9.09 -7.61 10.91
CA SER B 95 9.28 -8.90 10.26
C SER B 95 10.29 -8.83 9.13
N GLU B 96 10.52 -7.64 8.55
CA GLU B 96 11.60 -7.45 7.60
C GLU B 96 12.95 -7.38 8.31
N PHE B 97 12.97 -6.83 9.52
CA PHE B 97 14.20 -6.73 10.29
C PHE B 97 14.77 -8.11 10.60
N ASN B 98 13.95 -8.99 11.18
CA ASN B 98 14.45 -10.27 11.68
C ASN B 98 14.98 -11.16 10.56
N VAL B 99 14.44 -11.03 9.35
CA VAL B 99 14.95 -11.81 8.23
C VAL B 99 16.29 -11.28 7.78
N LEU B 100 16.46 -9.95 7.76
CA LEU B 100 17.74 -9.36 7.39
C LEU B 100 18.83 -9.69 8.40
N LYS B 101 18.46 -9.85 9.67
CA LYS B 101 19.43 -10.24 10.68
C LYS B 101 20.02 -11.61 10.38
N GLN B 102 19.17 -12.56 9.97
CA GLN B 102 19.62 -13.94 9.81
C GLN B 102 20.47 -14.13 8.56
N VAL B 103 20.13 -13.45 7.47
CA VAL B 103 20.70 -13.74 6.16
C VAL B 103 21.89 -12.82 5.90
N ASN B 104 22.93 -13.39 5.30
CA ASN B 104 24.10 -12.63 4.84
C ASN B 104 24.59 -13.29 3.56
N HIS B 105 24.40 -12.62 2.42
CA HIS B 105 24.77 -13.17 1.12
C HIS B 105 25.11 -12.02 0.19
N PRO B 106 26.07 -12.22 -0.72
CA PRO B 106 26.43 -11.12 -1.65
C PRO B 106 25.24 -10.59 -2.46
N HIS B 107 24.38 -11.46 -2.97
CA HIS B 107 23.21 -11.06 -3.73
C HIS B 107 21.95 -10.99 -2.89
N VAL B 108 22.09 -10.67 -1.60
CA VAL B 108 20.98 -10.38 -0.71
C VAL B 108 21.35 -9.14 0.07
N ILE B 109 20.52 -8.09 -0.03
CA ILE B 109 20.86 -6.78 0.51
C ILE B 109 21.29 -6.91 1.96
N LYS B 110 22.43 -6.31 2.28
CA LYS B 110 23.10 -6.54 3.56
C LYS B 110 22.60 -5.54 4.61
N LEU B 111 22.07 -6.06 5.72
CA LEU B 111 21.67 -5.25 6.85
C LEU B 111 22.90 -4.80 7.63
N TYR B 112 23.11 -3.50 7.74
CA TYR B 112 24.27 -2.95 8.41
C TYR B 112 24.00 -2.49 9.85
N GLY B 113 22.76 -2.14 10.19
CA GLY B 113 22.48 -1.69 11.53
C GLY B 113 21.02 -1.32 11.68
N ALA B 114 20.72 -0.68 12.81
CA ALA B 114 19.33 -0.29 13.11
C ALA B 114 19.32 0.78 14.20
N CYS B 115 18.17 1.44 14.31
CA CYS B 115 17.92 2.46 15.33
C CYS B 115 16.51 2.24 15.85
N SER B 116 16.38 1.54 16.98
CA SER B 116 15.08 1.13 17.51
C SER B 116 14.64 1.95 18.71
N GLN B 117 15.43 1.98 19.78
CA GLN B 117 14.98 2.55 21.04
C GLN B 117 14.95 4.07 21.00
N ASP B 118 13.96 4.63 21.70
CA ASP B 118 13.82 6.07 21.94
C ASP B 118 14.00 6.88 20.65
N GLY B 119 13.17 6.54 19.66
CA GLY B 119 13.20 7.21 18.39
C GLY B 119 12.48 6.42 17.32
N PRO B 120 12.31 7.02 16.13
CA PRO B 120 11.70 6.29 15.03
C PRO B 120 12.56 5.11 14.60
N LEU B 121 11.90 4.03 14.20
CA LEU B 121 12.60 2.82 13.80
C LEU B 121 13.27 3.04 12.45
N LEU B 122 14.59 2.85 12.39
CA LEU B 122 15.37 3.05 11.18
C LEU B 122 16.22 1.82 10.94
N LEU B 123 16.15 1.28 9.73
CA LEU B 123 16.92 0.11 9.33
C LEU B 123 18.04 0.55 8.40
N ILE B 124 19.27 0.55 8.90
CA ILE B 124 20.44 0.95 8.12
C ILE B 124 20.85 -0.24 7.27
N VAL B 125 20.73 -0.10 5.94
CA VAL B 125 20.91 -1.21 5.02
C VAL B 125 21.85 -0.77 3.90
N GLU B 126 22.46 -1.78 3.26
CA GLU B 126 23.30 -1.57 2.09
C GLU B 126 22.64 -0.66 1.07
N TYR B 127 23.43 0.24 0.49
CA TYR B 127 22.94 1.23 -0.47
C TYR B 127 23.20 0.75 -1.89
N ALA B 128 22.13 0.37 -2.59
CA ALA B 128 22.21 -0.09 -3.98
C ALA B 128 21.76 1.06 -4.87
N LYS B 129 22.74 1.86 -5.30
CA LYS B 129 22.47 3.14 -5.98
C LYS B 129 21.61 3.04 -7.24
N PTR B 130 21.89 2.06 -8.09
CA PTR B 130 21.20 1.96 -9.37
C PTR B 130 19.70 1.69 -9.22
O PTR B 130 18.94 1.75 -10.19
CB PTR B 130 21.81 0.88 -10.27
CG PTR B 130 23.23 1.15 -10.73
CD1 PTR B 130 23.99 0.16 -11.32
CD2 PTR B 130 23.81 2.41 -10.57
CE1 PTR B 130 25.29 0.39 -11.75
CE2 PTR B 130 25.11 2.65 -10.99
CZ PTR B 130 25.85 1.64 -11.57
OH PTR B 130 27.06 1.89 -11.97
P PTR B 130 28.36 1.06 -11.52
O1P PTR B 130 29.11 0.59 -12.79
O2P PTR B 130 27.98 -0.17 -10.66
O3P PTR B 130 29.23 1.97 -10.74
N GLY B 131 19.27 1.37 -8.00
CA GLY B 131 17.85 1.34 -7.67
C GLY B 131 17.11 0.06 -8.00
N SER B 132 15.78 0.11 -7.83
CA SER B 132 14.94 -1.05 -8.08
C SER B 132 15.18 -1.62 -9.47
N LEU B 133 15.22 -2.96 -9.55
CA LEU B 133 15.55 -3.62 -10.81
C LEU B 133 14.56 -3.25 -11.91
N ARG B 134 13.27 -3.19 -11.59
CA ARG B 134 12.29 -2.77 -12.58
C ARG B 134 12.58 -1.37 -13.09
N GLY B 135 12.90 -0.45 -12.18
CA GLY B 135 13.32 0.88 -12.60
C GLY B 135 14.61 0.85 -13.40
N PHE B 136 15.50 -0.08 -13.09
CA PHE B 136 16.74 -0.21 -13.86
C PHE B 136 16.46 -0.70 -15.27
N LEU B 137 15.56 -1.68 -15.42
CA LEU B 137 15.28 -2.24 -16.74
C LEU B 137 14.45 -1.30 -17.58
N ARG B 138 13.49 -0.60 -16.97
CA ARG B 138 12.61 0.29 -17.75
C ARG B 138 13.38 1.48 -18.29
N GLU B 139 14.29 2.05 -17.47
CA GLU B 139 15.08 3.19 -17.93
C GLU B 139 15.94 2.83 -19.14
N SER B 140 16.50 1.62 -19.14
CA SER B 140 17.48 1.27 -20.17
C SER B 140 16.84 1.08 -21.53
N ARG B 141 15.58 0.64 -21.59
CA ARG B 141 14.97 0.32 -22.87
C ARG B 141 14.53 1.56 -23.63
N LYS B 142 14.28 2.67 -22.93
CA LYS B 142 14.03 3.93 -23.63
C LYS B 142 15.34 4.54 -24.14
N VAL B 143 16.41 4.46 -23.33
CA VAL B 143 17.71 4.93 -23.78
C VAL B 143 18.27 3.98 -24.85
N GLY B 144 18.18 2.67 -24.59
CA GLY B 144 18.66 1.68 -25.53
C GLY B 144 17.52 0.89 -26.15
N PRO B 145 17.44 -0.41 -25.79
CA PRO B 145 18.34 -1.11 -24.88
C PRO B 145 19.66 -1.52 -25.52
N ARG B 165 21.07 2.97 -20.40
CA ARG B 165 22.29 2.45 -20.99
C ARG B 165 22.00 1.22 -21.85
N ALA B 166 22.95 0.88 -22.71
CA ALA B 166 22.82 -0.30 -23.56
C ALA B 166 22.99 -1.56 -22.73
N LEU B 167 21.98 -2.42 -22.73
CA LEU B 167 22.00 -3.68 -21.99
C LEU B 167 21.96 -4.83 -23.00
N THR B 168 23.05 -5.59 -23.05
CA THR B 168 23.09 -6.75 -23.92
C THR B 168 22.24 -7.88 -23.34
N MET B 169 21.95 -8.87 -24.17
CA MET B 169 21.21 -10.03 -23.69
C MET B 169 22.02 -10.82 -22.66
N GLY B 170 23.34 -10.87 -22.82
CA GLY B 170 24.18 -11.51 -21.83
C GLY B 170 24.07 -10.88 -20.45
N ASP B 171 23.74 -9.59 -20.40
CA ASP B 171 23.53 -8.94 -19.12
C ASP B 171 22.32 -9.53 -18.39
N LEU B 172 21.24 -9.80 -19.14
CA LEU B 172 20.00 -10.24 -18.51
C LEU B 172 20.13 -11.63 -17.90
N ILE B 173 20.71 -12.59 -18.64
CA ILE B 173 20.89 -13.93 -18.09
C ILE B 173 21.81 -13.89 -16.86
N SER B 174 22.75 -12.95 -16.84
CA SER B 174 23.58 -12.77 -15.65
C SER B 174 22.76 -12.31 -14.46
N PHE B 175 21.81 -11.40 -14.69
CA PHE B 175 20.93 -10.95 -13.62
C PHE B 175 20.13 -12.11 -13.04
N ALA B 176 19.46 -12.88 -13.91
CA ALA B 176 18.72 -14.05 -13.45
C ALA B 176 19.63 -15.07 -12.80
N TRP B 177 20.86 -15.20 -13.28
CA TRP B 177 21.82 -16.10 -12.66
C TRP B 177 22.25 -15.58 -11.29
N GLN B 178 22.36 -14.26 -11.14
CA GLN B 178 22.65 -13.67 -9.84
C GLN B 178 21.51 -13.91 -8.86
N ILE B 179 20.28 -13.65 -9.31
CA ILE B 179 19.12 -13.79 -8.42
C ILE B 179 18.84 -15.26 -8.13
N SER B 180 19.16 -16.16 -9.06
CA SER B 180 19.02 -17.59 -8.80
C SER B 180 19.92 -18.03 -7.68
N GLN B 181 21.15 -17.51 -7.63
CA GLN B 181 22.07 -17.83 -6.55
C GLN B 181 21.55 -17.29 -5.21
N GLY B 182 21.08 -16.05 -5.20
CA GLY B 182 20.56 -15.48 -3.97
C GLY B 182 19.37 -16.24 -3.42
N MET B 183 18.43 -16.63 -4.30
CA MET B 183 17.32 -17.46 -3.87
C MET B 183 17.79 -18.84 -3.45
N GLN B 184 18.78 -19.39 -4.15
CA GLN B 184 19.41 -20.64 -3.75
C GLN B 184 19.92 -20.56 -2.31
N TYR B 185 20.52 -19.43 -1.95
CA TYR B 185 20.96 -19.22 -0.58
C TYR B 185 19.78 -19.19 0.39
N LEU B 186 18.71 -18.49 0.02
CA LEU B 186 17.54 -18.39 0.90
C LEU B 186 16.86 -19.74 1.06
N ALA B 187 16.84 -20.55 0.00
CA ALA B 187 16.27 -21.89 0.12
C ALA B 187 17.16 -22.80 0.94
N GLU B 188 18.47 -22.54 0.96
CA GLU B 188 19.36 -23.25 1.86
C GLU B 188 19.19 -22.81 3.30
N MET B 189 18.61 -21.64 3.52
CA MET B 189 18.14 -21.22 4.83
C MET B 189 16.74 -21.73 5.12
N LYS B 190 16.20 -22.57 4.24
CA LYS B 190 14.83 -23.08 4.32
C LYS B 190 13.85 -21.96 4.66
N LEU B 191 13.78 -20.98 3.76
CA LEU B 191 12.96 -19.79 3.97
C LEU B 191 12.30 -19.40 2.66
N VAL B 192 11.02 -19.04 2.74
CA VAL B 192 10.27 -18.52 1.60
C VAL B 192 10.23 -17.00 1.68
N HIS B 193 10.42 -16.36 0.53
CA HIS B 193 10.40 -14.90 0.43
C HIS B 193 9.07 -14.37 -0.08
N ARG B 194 8.39 -15.14 -0.92
CA ARG B 194 7.02 -14.93 -1.38
C ARG B 194 6.96 -13.81 -2.42
N ASP B 195 7.07 -12.56 -1.98
CA ASP B 195 6.97 -11.43 -2.91
C ASP B 195 8.24 -11.28 -3.73
N LEU B 196 8.49 -12.22 -4.63
CA LEU B 196 9.67 -12.19 -5.49
C LEU B 196 9.26 -11.59 -6.83
N ALA B 197 9.63 -10.33 -7.06
CA ALA B 197 9.33 -9.65 -8.32
C ALA B 197 10.48 -8.70 -8.65
N ALA B 198 10.46 -8.21 -9.90
CA ALA B 198 11.47 -7.26 -10.36
C ALA B 198 11.41 -5.94 -9.60
N ARG B 199 10.27 -5.63 -8.97
CA ARG B 199 10.18 -4.43 -8.14
C ARG B 199 11.03 -4.58 -6.89
N ASN B 200 10.93 -5.72 -6.21
CA ASN B 200 11.58 -5.94 -4.93
C ASN B 200 13.08 -6.22 -5.05
N ILE B 201 13.57 -6.51 -6.26
CA ILE B 201 15.00 -6.73 -6.45
C ILE B 201 15.71 -5.39 -6.60
N LEU B 202 16.87 -5.27 -5.96
CA LEU B 202 17.68 -4.06 -6.03
C LEU B 202 18.90 -4.29 -6.92
N VAL B 203 19.51 -3.17 -7.33
CA VAL B 203 20.70 -3.18 -8.17
C VAL B 203 21.71 -2.22 -7.57
N ALA B 204 22.92 -2.71 -7.31
CA ALA B 204 23.94 -1.96 -6.60
C ALA B 204 24.96 -1.40 -7.60
N GLU B 205 26.08 -0.91 -7.06
CA GLU B 205 27.16 -0.43 -7.92
C GLU B 205 27.73 -1.57 -8.74
N GLY B 206 28.05 -1.28 -10.00
CA GLY B 206 28.53 -2.32 -10.89
C GLY B 206 27.45 -3.27 -11.37
N ARG B 207 26.18 -2.88 -11.26
CA ARG B 207 25.06 -3.64 -11.80
C ARG B 207 24.97 -5.03 -11.16
N LYS B 208 25.02 -5.06 -9.83
CA LYS B 208 24.94 -6.29 -9.06
C LYS B 208 23.58 -6.39 -8.36
N MET B 209 22.98 -7.57 -8.42
CA MET B 209 21.65 -7.77 -7.87
C MET B 209 21.70 -7.95 -6.36
N LYS B 210 20.66 -7.43 -5.68
CA LYS B 210 20.50 -7.57 -4.23
C LYS B 210 19.02 -7.80 -3.95
N ILE B 211 18.66 -9.03 -3.54
CA ILE B 211 17.28 -9.36 -3.21
C ILE B 211 16.85 -8.57 -1.98
N SER B 212 15.69 -7.91 -2.06
CA SER B 212 15.21 -7.08 -0.96
C SER B 212 13.75 -7.29 -0.64
N ASP B 213 13.20 -6.47 0.26
CA ASP B 213 11.78 -6.48 0.62
C ASP B 213 11.37 -7.80 1.26
N PHE B 214 12.08 -8.13 2.35
CA PHE B 214 11.85 -9.37 3.11
C PHE B 214 10.69 -9.26 4.10
N GLY B 215 9.79 -8.28 3.93
CA GLY B 215 8.72 -8.10 4.91
C GLY B 215 7.74 -9.25 4.95
N LEU B 216 7.38 -9.79 3.80
CA LEU B 216 6.38 -10.85 3.70
C LEU B 216 6.97 -12.25 3.79
N SER B 217 8.27 -12.37 4.04
CA SER B 217 8.93 -13.67 4.10
C SER B 217 8.34 -14.56 5.18
N ARG B 218 8.41 -15.86 4.96
CA ARG B 218 7.93 -16.86 5.91
C ARG B 218 8.88 -18.05 5.90
N ASP B 219 8.91 -18.78 7.00
CA ASP B 219 9.71 -20.00 7.08
C ASP B 219 8.99 -21.12 6.35
N VAL B 220 9.75 -21.94 5.61
CA VAL B 220 9.14 -23.02 4.84
C VAL B 220 8.52 -24.05 5.77
N TYR B 221 9.13 -24.28 6.94
CA TYR B 221 8.55 -25.10 8.00
C TYR B 221 8.32 -24.17 9.18
N GLU B 222 7.05 -23.99 9.57
CA GLU B 222 6.69 -22.89 10.44
C GLU B 222 7.38 -23.01 11.80
N GLU B 223 7.71 -21.86 12.38
CA GLU B 223 8.42 -21.80 13.65
C GLU B 223 7.74 -20.95 14.70
N ASP B 224 6.43 -20.71 14.60
CA ASP B 224 5.68 -19.91 15.56
C ASP B 224 4.35 -20.58 15.87
N SER B 225 4.06 -20.74 17.15
CA SER B 225 2.84 -21.44 17.60
C SER B 225 1.55 -20.73 17.19
N PTR B 226 1.56 -19.39 17.22
CA PTR B 226 0.41 -18.65 16.73
C PTR B 226 0.85 -17.55 15.78
O PTR B 226 1.07 -16.40 16.18
CB PTR B 226 -0.42 -18.07 17.88
CG PTR B 226 -1.71 -17.41 17.46
CD1 PTR B 226 -2.88 -18.15 17.37
CD2 PTR B 226 -1.77 -16.06 17.16
CE1 PTR B 226 -4.07 -17.57 16.98
CE2 PTR B 226 -2.96 -15.46 16.78
CZ PTR B 226 -4.11 -16.21 16.68
OH PTR B 226 -5.23 -15.66 16.33
P PTR B 226 -5.84 -15.90 14.86
O1P PTR B 226 -4.69 -16.07 13.84
O2P PTR B 226 -6.67 -14.73 14.50
O3P PTR B 226 -6.71 -17.17 14.86
N VAL B 227 1.01 -17.91 14.52
CA VAL B 227 1.32 -16.96 13.46
C VAL B 227 0.03 -16.22 13.13
N LYS B 228 0.13 -14.92 12.87
CA LYS B 228 -1.06 -14.13 12.61
C LYS B 228 -1.65 -14.43 11.23
N ARG B 229 -0.88 -15.04 10.33
CA ARG B 229 -1.33 -15.33 8.97
C ARG B 229 -1.79 -14.07 8.22
N SEP B 230 -0.88 -13.50 7.45
CA SEP B 230 -1.14 -12.29 6.69
CB SEP B 230 0.18 -11.56 6.41
OG SEP B 230 1.01 -11.57 7.56
C SEP B 230 -1.87 -12.62 5.39
O SEP B 230 -1.40 -13.45 4.60
P SEP B 230 2.52 -12.00 7.18
O1P SEP B 230 2.48 -13.09 5.99
O2P SEP B 230 3.25 -12.65 8.45
O3P SEP B 230 3.33 -10.70 6.69
N GLN B 231 -3.00 -11.97 5.17
CA GLN B 231 -3.93 -12.37 4.11
C GLN B 231 -3.78 -11.62 2.80
N GLY B 232 -3.64 -12.37 1.71
CA GLY B 232 -3.72 -11.84 0.36
C GLY B 232 -2.87 -10.63 0.02
N ARG B 233 -1.61 -10.63 0.45
CA ARG B 233 -0.75 -9.47 0.22
C ARG B 233 0.12 -9.60 -1.03
N ILE B 234 0.21 -10.78 -1.63
CA ILE B 234 1.05 -10.99 -2.81
C ILE B 234 0.31 -10.55 -4.06
N PRO B 235 0.94 -9.83 -4.98
CA PRO B 235 0.27 -9.49 -6.24
C PRO B 235 -0.15 -10.75 -6.99
N VAL B 236 -1.44 -10.80 -7.35
CA VAL B 236 -2.05 -12.00 -7.94
C VAL B 236 -1.27 -12.53 -9.13
N LYS B 237 -0.64 -11.64 -9.91
CA LYS B 237 0.04 -12.10 -11.12
C LYS B 237 1.29 -12.91 -10.79
N TRP B 238 1.95 -12.59 -9.68
CA TRP B 238 3.11 -13.33 -9.23
C TRP B 238 2.75 -14.50 -8.32
N MET B 239 1.46 -14.75 -8.09
CA MET B 239 1.03 -15.81 -7.19
C MET B 239 0.96 -17.14 -7.92
N ALA B 240 1.55 -18.17 -7.32
CA ALA B 240 1.48 -19.51 -7.88
C ALA B 240 0.05 -20.05 -7.79
N ILE B 241 -0.30 -20.91 -8.75
CA ILE B 241 -1.63 -21.51 -8.81
C ILE B 241 -2.03 -22.08 -7.46
N GLU B 242 -1.09 -22.75 -6.77
CA GLU B 242 -1.41 -23.33 -5.47
C GLU B 242 -1.66 -22.25 -4.41
N SER B 243 -0.93 -21.14 -4.49
CA SER B 243 -1.18 -20.03 -3.57
C SER B 243 -2.60 -19.49 -3.75
N LEU B 244 -3.05 -19.39 -5.01
CA LEU B 244 -4.44 -19.02 -5.26
C LEU B 244 -5.40 -20.09 -4.76
N PHE B 245 -5.02 -21.36 -4.93
CA PHE B 245 -5.91 -22.47 -4.59
C PHE B 245 -6.02 -22.67 -3.08
N ASP B 246 -4.90 -22.96 -2.41
CA ASP B 246 -4.91 -23.39 -1.03
C ASP B 246 -4.17 -22.45 -0.09
N HIS B 247 -3.85 -21.23 -0.54
CA HIS B 247 -3.13 -20.24 0.27
C HIS B 247 -1.77 -20.77 0.71
N ILE B 248 -1.18 -21.63 -0.10
CA ILE B 248 0.10 -22.24 0.22
C ILE B 248 1.23 -21.56 -0.54
N PTR B 249 2.23 -21.12 0.21
CA PTR B 249 3.38 -20.43 -0.38
C PTR B 249 4.66 -21.20 -0.05
O PTR B 249 5.29 -20.97 0.98
CB PTR B 249 3.46 -18.98 0.13
CG PTR B 249 2.15 -18.23 0.11
CD1 PTR B 249 1.18 -18.45 1.08
CD2 PTR B 249 1.86 -17.32 -0.90
CE1 PTR B 249 -0.03 -17.77 1.06
CE2 PTR B 249 0.65 -16.64 -0.93
CZ PTR B 249 -0.28 -16.86 0.06
OH PTR B 249 -1.41 -16.21 -0.01
P PTR B 249 -2.33 -15.77 1.25
O1P PTR B 249 -2.51 -16.90 2.18
O2P PTR B 249 -1.68 -14.58 1.98
O3P PTR B 249 -3.71 -15.35 0.70
N THR B 250 5.04 -22.12 -0.93
CA THR B 250 6.22 -22.94 -0.75
C THR B 250 7.48 -22.33 -1.33
N THR B 251 8.60 -23.06 -1.20
CA THR B 251 9.82 -22.65 -1.90
C THR B 251 9.70 -22.92 -3.40
N GLN B 252 8.98 -23.98 -3.78
CA GLN B 252 8.67 -24.20 -5.19
C GLN B 252 7.70 -23.16 -5.72
N SER B 253 6.96 -22.49 -4.84
CA SER B 253 6.13 -21.36 -5.28
C SER B 253 6.97 -20.16 -5.65
N ASP B 254 8.07 -19.93 -4.93
CA ASP B 254 9.00 -18.87 -5.32
C ASP B 254 9.70 -19.17 -6.64
N VAL B 255 9.76 -20.46 -7.03
CA VAL B 255 10.23 -20.78 -8.38
C VAL B 255 9.22 -20.30 -9.42
N TRP B 256 7.93 -20.49 -9.15
CA TRP B 256 6.89 -19.89 -9.98
C TRP B 256 7.06 -18.37 -10.02
N SER B 257 7.27 -17.74 -8.87
CA SER B 257 7.56 -16.32 -8.82
C SER B 257 8.80 -15.97 -9.64
N PHE B 258 9.85 -16.79 -9.51
CA PHE B 258 11.06 -16.55 -10.29
C PHE B 258 10.80 -16.70 -11.79
N GLY B 259 9.89 -17.59 -12.17
CA GLY B 259 9.53 -17.72 -13.58
C GLY B 259 8.91 -16.44 -14.13
N VAL B 260 8.00 -15.83 -13.35
CA VAL B 260 7.45 -14.53 -13.74
C VAL B 260 8.54 -13.47 -13.73
N LEU B 261 9.48 -13.57 -12.78
CA LEU B 261 10.58 -12.61 -12.72
C LEU B 261 11.43 -12.67 -13.98
N LEU B 262 11.74 -13.89 -14.45
CA LEU B 262 12.47 -14.05 -15.70
C LEU B 262 11.80 -13.28 -16.83
N TRP B 263 10.47 -13.41 -16.94
CA TRP B 263 9.72 -12.67 -17.93
C TRP B 263 9.96 -11.17 -17.82
N GLU B 264 9.88 -10.64 -16.58
CA GLU B 264 10.12 -9.21 -16.37
C GLU B 264 11.50 -8.78 -16.86
N ILE B 265 12.52 -9.61 -16.64
CA ILE B 265 13.88 -9.23 -17.02
C ILE B 265 14.00 -9.13 -18.54
N VAL B 266 13.68 -10.20 -19.26
CA VAL B 266 13.84 -10.22 -20.70
C VAL B 266 12.98 -9.15 -21.36
N THR B 267 11.79 -8.90 -20.81
CA THR B 267 10.94 -7.83 -21.31
C THR B 267 11.38 -6.45 -20.82
N LEU B 268 12.41 -6.37 -19.97
CA LEU B 268 12.95 -5.12 -19.45
C LEU B 268 11.86 -4.29 -18.77
N GLY B 269 11.38 -4.82 -17.65
CA GLY B 269 10.38 -4.14 -16.86
C GLY B 269 8.94 -4.38 -17.27
N GLY B 270 8.71 -5.17 -18.31
CA GLY B 270 7.37 -5.46 -18.80
C GLY B 270 6.40 -5.91 -17.72
N ASN B 271 5.13 -5.55 -17.87
CA ASN B 271 4.11 -5.92 -16.90
C ASN B 271 3.49 -7.26 -17.30
N PRO B 272 3.54 -8.28 -16.44
CA PRO B 272 3.06 -9.60 -16.83
C PRO B 272 1.54 -9.63 -17.01
N TYR B 273 1.09 -10.61 -17.79
CA TYR B 273 -0.31 -10.87 -18.11
C TYR B 273 -1.06 -9.57 -18.38
N PRO B 274 -0.80 -8.89 -19.48
CA PRO B 274 -1.39 -7.55 -19.68
C PRO B 274 -2.89 -7.63 -19.91
N GLY B 275 -3.62 -6.73 -19.26
CA GLY B 275 -5.04 -6.58 -19.49
C GLY B 275 -5.91 -7.54 -18.70
N ILE B 276 -5.38 -8.70 -18.38
CA ILE B 276 -6.18 -9.77 -17.77
C ILE B 276 -6.61 -9.36 -16.37
N PRO B 277 -7.90 -9.47 -16.03
CA PRO B 277 -8.36 -9.20 -14.67
C PRO B 277 -7.94 -10.32 -13.73
N PRO B 278 -8.33 -10.27 -12.43
CA PRO B 278 -7.92 -11.35 -11.53
C PRO B 278 -8.58 -12.69 -11.83
N GLU B 279 -9.90 -12.69 -12.04
CA GLU B 279 -10.62 -13.95 -12.27
C GLU B 279 -10.15 -14.64 -13.54
N ARG B 280 -9.98 -13.88 -14.62
CA ARG B 280 -9.56 -14.47 -15.89
C ARG B 280 -8.18 -15.10 -15.78
N LEU B 281 -7.31 -14.56 -14.91
CA LEU B 281 -5.99 -15.13 -14.71
C LEU B 281 -6.08 -16.49 -14.02
N PHE B 282 -6.84 -16.58 -12.94
CA PHE B 282 -7.02 -17.84 -12.23
C PHE B 282 -7.56 -18.92 -13.15
N ASN B 283 -8.57 -18.59 -13.95
CA ASN B 283 -9.10 -19.55 -14.92
C ASN B 283 -8.04 -19.93 -15.95
N LEU B 284 -7.26 -18.95 -16.41
CA LEU B 284 -6.24 -19.22 -17.43
C LEU B 284 -5.23 -20.25 -16.94
N LEU B 285 -4.73 -20.09 -15.71
CA LEU B 285 -3.80 -21.08 -15.17
C LEU B 285 -4.50 -22.39 -14.83
N LYS B 286 -5.77 -22.32 -14.41
CA LYS B 286 -6.51 -23.56 -14.15
C LYS B 286 -6.78 -24.31 -15.45
N THR B 287 -7.16 -23.60 -16.51
CA THR B 287 -7.35 -24.25 -17.80
C THR B 287 -6.03 -24.72 -18.40
N GLY B 288 -4.91 -24.12 -18.02
CA GLY B 288 -3.60 -24.58 -18.44
C GLY B 288 -2.75 -23.56 -19.17
N HIS B 289 -3.32 -22.46 -19.66
CA HIS B 289 -2.53 -21.50 -20.42
C HIS B 289 -1.59 -20.71 -19.52
N ARG B 290 -0.47 -20.29 -20.10
CA ARG B 290 0.49 -19.43 -19.41
C ARG B 290 0.80 -18.24 -20.31
N MET B 291 1.90 -17.57 -20.03
CA MET B 291 2.36 -16.47 -20.88
C MET B 291 3.12 -17.03 -22.08
N GLU B 292 2.92 -16.40 -23.24
CA GLU B 292 3.55 -16.84 -24.46
C GLU B 292 4.99 -16.32 -24.53
N ARG B 293 5.75 -16.90 -25.48
CA ARG B 293 7.16 -16.60 -25.66
C ARG B 293 7.36 -15.12 -25.95
N PRO B 294 8.04 -14.40 -25.06
CA PRO B 294 8.16 -12.95 -25.21
C PRO B 294 8.88 -12.54 -26.48
N ASP B 295 8.70 -11.27 -26.85
CA ASP B 295 9.35 -10.71 -28.03
C ASP B 295 10.86 -10.65 -27.81
N ASN B 296 11.62 -11.36 -28.65
CA ASN B 296 13.07 -11.41 -28.58
C ASN B 296 13.54 -12.04 -27.26
N CYS B 297 13.09 -13.28 -27.04
CA CYS B 297 13.54 -14.10 -25.93
C CYS B 297 14.03 -15.43 -26.46
N SER B 298 15.04 -15.98 -25.79
CA SER B 298 15.63 -17.23 -26.26
C SER B 298 14.64 -18.39 -26.11
N GLU B 299 14.73 -19.33 -27.06
CA GLU B 299 13.82 -20.47 -27.05
C GLU B 299 14.09 -21.38 -25.86
N GLU B 300 15.35 -21.55 -25.48
CA GLU B 300 15.68 -22.33 -24.29
C GLU B 300 15.49 -21.53 -23.00
N MET B 301 15.42 -20.20 -23.10
CA MET B 301 15.09 -19.38 -21.93
C MET B 301 13.60 -19.43 -21.64
N TYR B 302 12.76 -19.37 -22.67
CA TYR B 302 11.32 -19.47 -22.48
C TYR B 302 10.92 -20.86 -22.00
N ARG B 303 11.65 -21.90 -22.44
CA ARG B 303 11.41 -23.25 -21.92
C ARG B 303 11.59 -23.29 -20.41
N LEU B 304 12.63 -22.63 -19.90
CA LEU B 304 12.85 -22.57 -18.45
C LEU B 304 11.69 -21.88 -17.74
N MET B 305 11.17 -20.80 -18.33
CA MET B 305 10.06 -20.08 -17.71
C MET B 305 8.85 -20.99 -17.52
N LEU B 306 8.54 -21.82 -18.51
CA LEU B 306 7.41 -22.73 -18.38
C LEU B 306 7.67 -23.81 -17.34
N GLN B 307 8.94 -24.21 -17.16
CA GLN B 307 9.28 -25.17 -16.12
C GLN B 307 8.94 -24.64 -14.74
N CYS B 308 8.97 -23.32 -14.57
CA CYS B 308 8.63 -22.71 -13.29
C CYS B 308 7.13 -22.56 -13.10
N TRP B 309 6.35 -22.53 -14.18
CA TRP B 309 4.91 -22.40 -14.11
C TRP B 309 4.18 -23.73 -14.23
N LYS B 310 4.84 -24.84 -13.91
CA LYS B 310 4.17 -26.12 -13.92
C LYS B 310 3.08 -26.14 -12.86
N GLN B 311 1.98 -26.85 -13.16
CA GLN B 311 0.86 -26.89 -12.22
C GLN B 311 1.27 -27.55 -10.91
N GLU B 312 2.03 -28.64 -10.98
CA GLU B 312 2.47 -29.35 -9.78
C GLU B 312 3.79 -28.77 -9.31
N PRO B 313 3.86 -28.16 -8.13
CA PRO B 313 5.14 -27.61 -7.65
C PRO B 313 6.21 -28.66 -7.45
N ASP B 314 5.83 -29.90 -7.14
CA ASP B 314 6.80 -30.98 -6.96
C ASP B 314 7.72 -31.12 -8.17
N LYS B 315 7.16 -30.99 -9.37
CA LYS B 315 7.96 -31.06 -10.60
C LYS B 315 8.27 -29.65 -11.11
N ARG B 316 9.18 -29.00 -10.38
CA ARG B 316 9.65 -27.67 -10.73
C ARG B 316 11.14 -27.63 -10.39
N PRO B 317 11.97 -27.08 -11.28
CA PRO B 317 13.41 -27.04 -11.00
C PRO B 317 13.72 -26.22 -9.76
N VAL B 318 14.70 -26.67 -9.00
CA VAL B 318 15.13 -25.99 -7.78
C VAL B 318 16.20 -24.98 -8.14
N PHE B 319 16.30 -23.91 -7.33
CA PHE B 319 17.21 -22.80 -7.62
C PHE B 319 18.65 -23.28 -7.80
N ALA B 320 19.07 -24.29 -7.04
CA ALA B 320 20.41 -24.84 -7.22
C ALA B 320 20.57 -25.45 -8.61
N ASP B 321 19.55 -26.14 -9.10
CA ASP B 321 19.56 -26.67 -10.46
C ASP B 321 19.16 -25.62 -11.49
N ILE B 322 18.63 -24.48 -11.05
CA ILE B 322 18.36 -23.38 -11.99
C ILE B 322 19.62 -22.57 -12.24
N SER B 323 20.40 -22.31 -11.18
CA SER B 323 21.65 -21.57 -11.31
C SER B 323 22.58 -22.20 -12.33
N LYS B 324 22.55 -23.53 -12.46
CA LYS B 324 23.36 -24.19 -13.48
C LYS B 324 22.78 -24.01 -14.87
N ASP B 325 21.45 -23.93 -14.99
CA ASP B 325 20.83 -23.72 -16.30
C ASP B 325 21.17 -22.35 -16.85
N LEU B 326 21.27 -21.35 -15.99
CA LEU B 326 21.55 -19.99 -16.43
C LEU B 326 23.02 -19.77 -16.77
N GLU B 327 23.93 -20.46 -16.09
CA GLU B 327 25.34 -20.36 -16.42
C GLU B 327 25.63 -20.99 -17.78
N LYS B 328 25.03 -22.15 -18.05
CA LYS B 328 25.19 -22.79 -19.35
C LYS B 328 24.75 -21.91 -20.50
N MET B 329 23.81 -20.99 -20.24
CA MET B 329 23.33 -20.11 -21.31
C MET B 329 24.37 -19.05 -21.65
N MET B 330 25.05 -18.49 -20.64
CA MET B 330 26.06 -17.48 -20.90
C MET B 330 27.31 -18.10 -21.51
N VAL B 331 27.76 -19.23 -20.96
CA VAL B 331 29.03 -19.83 -21.36
C VAL B 331 29.07 -20.18 -22.85
N LYS B 332 27.90 -20.32 -23.49
CA LYS B 332 27.87 -20.49 -24.94
C LYS B 332 28.33 -19.23 -25.65
N ARG B 333 27.87 -18.07 -25.17
CA ARG B 333 28.22 -16.79 -25.75
C ARG B 333 29.64 -16.39 -25.38
CL CL C . -7.94 6.89 -3.74
C1 7QU D . -2.37 8.99 -1.69
C2 7QU D . -4.28 10.56 -2.28
C3 7QU D . -5.61 10.25 -2.93
C11 7QU D . -11.11 9.73 -6.80
C12 7QU D . -11.33 10.95 -7.53
C13 7QU D . -12.40 11.61 -8.19
C14 7QU D . -10.93 13.32 -8.78
C15 7QU D . -10.06 11.63 -7.57
C16 7QU D . -11.97 8.63 -6.48
C17 7QU D . -12.89 8.13 -7.39
C18 7QU D . -13.62 6.98 -7.05
C19 7QU D . -13.40 6.37 -5.83
C20 7QU D . -12.48 6.88 -4.89
C21 7QU D . -11.76 8.03 -5.24
N 7QU D . -3.25 9.57 -2.63
C 7QU D . -1.35 8.00 -2.17
O 7QU D . -2.46 9.30 -0.51
C10 7QU D . -9.82 9.71 -6.43
C4 7QU D . -4.58 8.97 -4.67
C5 7QU D . -3.21 9.19 -4.06
C6 7QU D . -6.79 9.91 -5.00
C7 7QU D . -7.65 11.21 -4.99
C8 7QU D . -7.79 11.14 -6.53
C9 7QU D . -6.95 9.84 -6.55
N1 7QU D . -5.48 10.10 -4.39
N2 7QU D . -9.16 10.85 -6.86
N3 7QU D . -13.68 11.11 -8.19
N4 7QU D . -12.20 12.82 -8.83
N5 7QU D . -9.83 12.84 -8.19
N6 7QU D . -12.28 6.27 -3.68
CL 7QU D . -14.28 4.94 -5.45
CL CL E . 10.90 -0.75 -0.78
C1 7QU F . 8.08 0.14 -5.59
C2 7QU F . 9.25 2.28 -4.93
C3 7QU F . 10.68 2.70 -5.14
C11 7QU F . 15.87 0.03 -0.59
C12 7QU F . 17.15 0.49 -1.07
C13 7QU F . 18.55 0.32 -0.77
C14 7QU F . 19.06 1.77 -2.52
C15 7QU F . 16.87 1.34 -2.17
C16 7QU F . 15.59 -0.81 0.56
C17 7QU F . 16.34 -0.61 1.72
C18 7QU F . 16.09 -1.39 2.84
C19 7QU F . 15.10 -2.34 2.80
C20 7QU F . 14.32 -2.57 1.64
C21 7QU F . 14.60 -1.78 0.50
N 7QU F . 9.09 0.82 -4.89
C 7QU F . 7.99 -1.37 -5.49
O 7QU F . 7.29 0.76 -6.29
C10 7QU F . 14.89 0.58 -1.40
C4 7QU F . 11.51 0.62 -4.30
C5 7QU F . 10.11 0.11 -4.08
C6 7QU F . 12.96 2.60 -4.35
C7 7QU F . 14.10 1.53 -4.61
C8 7QU F . 14.95 2.18 -3.47
C9 7QU F . 13.77 3.18 -3.14
N1 7QU F . 11.59 2.08 -4.16
N2 7QU F . 15.51 1.39 -2.37
N3 7QU F . 19.01 -0.48 0.23
N4 7QU F . 19.51 0.98 -1.51
N5 7QU F . 17.80 2.01 -2.93
N6 7QU F . 13.35 -3.54 1.61
CL 7QU F . 14.83 -3.27 4.22
#